data_6CKN
#
_entry.id   6CKN
#
_cell.length_a   40.058
_cell.length_b   40.058
_cell.length_c   205.570
_cell.angle_alpha   90.000
_cell.angle_beta   90.000
_cell.angle_gamma   90.000
#
_symmetry.space_group_name_H-M   'P 43 21 2'
#
loop_
_entity.id
_entity.type
_entity.pdbx_description
1 polymer 'Protein AF-10'
2 non-polymer 'UNKNOWN ATOM OR ION'
#
_entity_poly.entity_id   1
_entity_poly.type   'polypeptide(L)'
_entity_poly.pdbx_seq_one_letter_code
;GSSLENLPPVAASIEQLLERQWSEGQQFLLEQGTPSDILG(MSE)LKSLHQLQVENRRLEEQIKNLTAKKERLQLLNAQL
S
;
_entity_poly.pdbx_strand_id   A,B
#
# COMPACT_ATOMS: atom_id res chain seq x y z
CA ALA A 12 1.11 18.23 -3.61
C ALA A 12 2.16 18.12 -4.72
N SER A 13 3.12 19.07 -4.78
CA SER A 13 4.20 19.06 -5.78
C SER A 13 5.26 18.02 -5.39
N ILE A 14 5.28 17.61 -4.09
CA ILE A 14 6.18 16.58 -3.55
C ILE A 14 5.67 15.27 -4.12
N GLU A 15 4.36 15.03 -4.00
CA GLU A 15 3.70 13.82 -4.50
C GLU A 15 3.91 13.71 -6.01
N GLN A 16 3.86 14.85 -6.74
CA GLN A 16 4.08 14.90 -8.18
C GLN A 16 5.55 14.64 -8.52
N LEU A 17 6.47 15.12 -7.66
CA LEU A 17 7.91 14.92 -7.81
C LEU A 17 8.24 13.41 -7.70
N LEU A 18 7.71 12.77 -6.63
CA LEU A 18 7.85 11.35 -6.36
C LEU A 18 7.26 10.49 -7.48
N GLU A 19 6.12 10.93 -8.05
CA GLU A 19 5.45 10.23 -9.14
C GLU A 19 6.23 10.36 -10.44
N ARG A 20 6.75 11.58 -10.76
CA ARG A 20 7.54 11.84 -11.97
C ARG A 20 8.81 11.01 -11.96
N GLN A 21 9.51 10.97 -10.81
CA GLN A 21 10.76 10.21 -10.65
C GLN A 21 10.49 8.73 -10.87
N TRP A 22 9.42 8.21 -10.22
CA TRP A 22 9.02 6.84 -10.34
C TRP A 22 8.67 6.44 -11.76
N SER A 23 7.77 7.23 -12.41
CA SER A 23 7.31 7.02 -13.79
C SER A 23 8.45 7.03 -14.77
N GLU A 24 9.40 7.98 -14.63
CA GLU A 24 10.57 8.08 -15.50
C GLU A 24 11.43 6.83 -15.45
N GLY A 25 11.68 6.32 -14.25
CA GLY A 25 12.46 5.11 -14.04
C GLY A 25 11.75 3.89 -14.58
N GLN A 26 10.42 3.80 -14.37
CA GLN A 26 9.60 2.69 -14.86
C GLN A 26 9.50 2.70 -16.38
N GLN A 27 9.45 3.91 -16.98
CA GLN A 27 9.43 4.07 -18.43
C GLN A 27 10.75 3.62 -19.00
N PHE A 28 11.89 3.97 -18.32
CA PHE A 28 13.22 3.55 -18.77
C PHE A 28 13.34 2.02 -18.76
N LEU A 29 12.86 1.38 -17.69
CA LEU A 29 12.87 -0.07 -17.51
C LEU A 29 12.01 -0.77 -18.57
N LEU A 30 10.80 -0.22 -18.85
CA LEU A 30 9.89 -0.75 -19.87
C LEU A 30 10.53 -0.60 -21.25
N GLU A 31 11.09 0.59 -21.57
CA GLU A 31 11.78 0.86 -22.84
C GLU A 31 12.90 -0.18 -23.09
N GLN A 32 13.65 -0.56 -22.03
CA GLN A 32 14.73 -1.56 -22.03
C GLN A 32 14.24 -3.03 -22.08
N GLY A 33 12.93 -3.25 -22.07
CA GLY A 33 12.32 -4.57 -22.12
C GLY A 33 12.55 -5.44 -20.91
N THR A 34 12.44 -4.84 -19.71
CA THR A 34 12.54 -5.55 -18.43
C THR A 34 11.36 -6.53 -18.34
N PRO A 35 11.57 -7.81 -17.90
CA PRO A 35 10.44 -8.75 -17.74
C PRO A 35 9.24 -8.12 -17.02
N SER A 36 8.05 -8.29 -17.62
CA SER A 36 6.75 -7.79 -17.16
C SER A 36 6.44 -8.07 -15.68
N ASP A 37 6.89 -9.23 -15.18
CA ASP A 37 6.66 -9.62 -13.81
C ASP A 37 7.46 -8.75 -12.85
N ILE A 38 8.68 -8.36 -13.28
CA ILE A 38 9.51 -7.45 -12.50
C ILE A 38 8.83 -6.07 -12.48
N LEU A 39 8.31 -5.59 -13.64
CA LEU A 39 7.61 -4.31 -13.75
C LEU A 39 6.32 -4.27 -12.93
N GLY A 40 5.58 -5.38 -12.94
CA GLY A 40 4.36 -5.55 -12.15
C GLY A 40 4.66 -5.46 -10.67
N LEU A 42 7.32 -3.98 -9.25
CA LEU A 42 7.73 -2.60 -8.99
C LEU A 42 6.54 -1.64 -8.94
N LYS A 43 5.49 -1.90 -9.73
CA LYS A 43 4.25 -1.12 -9.69
C LYS A 43 3.62 -1.31 -8.28
N SER A 44 3.56 -2.56 -7.77
CA SER A 44 3.04 -2.88 -6.43
C SER A 44 3.84 -2.22 -5.31
N LEU A 45 5.17 -2.15 -5.44
CA LEU A 45 6.02 -1.54 -4.40
C LEU A 45 5.74 -0.03 -4.37
N HIS A 46 5.55 0.57 -5.57
CA HIS A 46 5.21 1.98 -5.74
C HIS A 46 3.85 2.27 -5.10
N GLN A 47 2.82 1.49 -5.42
CA GLN A 47 1.49 1.61 -4.83
C GLN A 47 1.60 1.51 -3.30
N LEU A 48 2.40 0.54 -2.80
CA LEU A 48 2.64 0.32 -1.37
C LEU A 48 3.22 1.57 -0.70
N GLN A 49 4.21 2.22 -1.38
CA GLN A 49 4.90 3.41 -0.90
C GLN A 49 3.98 4.64 -0.88
N VAL A 50 3.15 4.79 -1.94
CA VAL A 50 2.14 5.84 -2.11
C VAL A 50 1.07 5.74 -0.97
N GLU A 51 0.57 4.51 -0.69
CA GLU A 51 -0.38 4.23 0.39
C GLU A 51 0.24 4.54 1.73
N ASN A 52 1.53 4.13 1.95
CA ASN A 52 2.21 4.37 3.22
C ASN A 52 2.35 5.87 3.50
N ARG A 53 2.71 6.65 2.47
CA ARG A 53 2.86 8.08 2.55
C ARG A 53 1.53 8.79 2.89
N ARG A 54 0.43 8.42 2.20
CA ARG A 54 -0.90 8.99 2.48
C ARG A 54 -1.35 8.64 3.89
N LEU A 55 -1.15 7.38 4.32
CA LEU A 55 -1.51 6.93 5.66
C LEU A 55 -0.74 7.67 6.74
N GLU A 56 0.57 7.89 6.53
CA GLU A 56 1.42 8.63 7.47
C GLU A 56 0.88 10.06 7.63
N GLU A 57 0.43 10.68 6.52
CA GLU A 57 -0.11 12.04 6.51
C GLU A 57 -1.48 12.09 7.18
N GLN A 58 -2.31 11.08 6.92
CA GLN A 58 -3.62 11.00 7.53
C GLN A 58 -3.54 10.89 9.04
N ILE A 59 -2.58 10.05 9.56
CA ILE A 59 -2.27 9.87 10.99
C ILE A 59 -1.76 11.17 11.62
N LYS A 60 -0.81 11.87 10.97
CA LYS A 60 -0.26 13.15 11.45
C LYS A 60 -1.38 14.21 11.60
N ASN A 61 -2.34 14.24 10.64
CA ASN A 61 -3.46 15.19 10.66
C ASN A 61 -4.45 14.88 11.79
N LEU A 62 -4.64 13.58 12.10
CA LEU A 62 -5.49 13.10 13.18
C LEU A 62 -4.85 13.39 14.53
N THR A 63 -3.52 13.25 14.65
CA THR A 63 -2.77 13.58 15.88
C THR A 63 -2.80 15.13 16.09
N ALA A 64 -2.63 15.91 15.00
CA ALA A 64 -2.69 17.38 15.07
C ALA A 64 -4.06 17.82 15.63
N LYS A 65 -5.15 17.17 15.19
CA LYS A 65 -6.51 17.47 15.63
C LYS A 65 -6.70 17.14 17.11
N LYS A 66 -6.13 16.01 17.54
CA LYS A 66 -6.14 15.52 18.93
C LYS A 66 -5.43 16.55 19.81
N GLU A 67 -4.17 16.86 19.41
CA GLU A 67 -3.25 17.80 20.06
C GLU A 67 -3.85 19.19 20.19
N ARG A 68 -4.53 19.68 19.13
CA ARG A 68 -5.19 20.98 19.13
C ARG A 68 -6.37 21.03 20.11
N LEU A 69 -7.22 20.01 20.11
CA LEU A 69 -8.36 19.95 21.00
C LEU A 69 -7.93 19.94 22.46
N GLN A 70 -6.86 19.21 22.80
CA GLN A 70 -6.30 19.13 24.16
C GLN A 70 -5.82 20.50 24.61
N LEU A 71 -5.06 21.20 23.74
CA LEU A 71 -4.54 22.56 23.92
C LEU A 71 -5.72 23.53 24.14
N LEU A 72 -6.71 23.55 23.23
CA LEU A 72 -7.89 24.42 23.32
C LEU A 72 -8.64 24.19 24.62
N ASN A 73 -8.89 22.92 24.99
CA ASN A 73 -9.60 22.53 26.22
C ASN A 73 -8.91 23.06 27.45
N ALA A 74 -7.56 22.94 27.46
CA ALA A 74 -6.69 23.39 28.54
C ALA A 74 -6.74 24.92 28.73
N GLN A 75 -6.91 25.66 27.63
CA GLN A 75 -7.00 27.12 27.64
C GLN A 75 -8.41 27.58 28.10
N LEU A 76 -9.44 26.75 27.85
CA LEU A 76 -10.83 27.04 28.22
C LEU A 76 -11.22 26.46 29.59
N SER A 77 -10.38 25.56 30.14
CA SER A 77 -10.62 24.91 31.43
C SER A 77 -9.40 25.15 32.33
N ALA B 12 -14.38 -20.03 -1.42
CA ALA B 12 -14.22 -19.43 -0.09
C ALA B 12 -12.73 -19.28 0.26
N SER B 13 -12.11 -18.24 -0.27
CA SER B 13 -10.70 -17.91 -0.11
C SER B 13 -10.37 -17.35 1.28
N ILE B 14 -9.05 -17.30 1.63
CA ILE B 14 -8.56 -16.71 2.86
C ILE B 14 -8.43 -15.17 2.67
N GLU B 15 -8.14 -14.72 1.41
CA GLU B 15 -8.09 -13.31 0.96
C GLU B 15 -9.52 -12.71 0.97
N GLN B 16 -10.53 -13.54 0.64
CA GLN B 16 -11.94 -13.15 0.65
C GLN B 16 -12.43 -12.99 2.08
N LEU B 17 -11.89 -13.81 3.01
CA LEU B 17 -12.23 -13.76 4.44
C LEU B 17 -11.73 -12.43 5.01
N LEU B 18 -10.46 -12.05 4.71
CA LEU B 18 -9.83 -10.79 5.11
C LEU B 18 -10.59 -9.59 4.56
N GLU B 19 -11.05 -9.68 3.31
CA GLU B 19 -11.82 -8.62 2.66
C GLU B 19 -13.21 -8.47 3.26
N ARG B 20 -13.93 -9.60 3.50
CA ARG B 20 -15.27 -9.62 4.08
C ARG B 20 -15.24 -9.05 5.48
N GLN B 21 -14.24 -9.43 6.30
CA GLN B 21 -14.09 -8.98 7.68
C GLN B 21 -13.87 -7.50 7.67
N TRP B 22 -12.95 -7.03 6.80
CA TRP B 22 -12.63 -5.62 6.69
C TRP B 22 -13.84 -4.78 6.27
N SER B 23 -14.52 -5.17 5.20
CA SER B 23 -15.70 -4.49 4.66
C SER B 23 -16.81 -4.41 5.69
N GLU B 24 -17.08 -5.51 6.39
CA GLU B 24 -18.12 -5.58 7.42
C GLU B 24 -17.86 -4.62 8.56
N GLY B 25 -16.61 -4.58 9.03
CA GLY B 25 -16.20 -3.71 10.12
C GLY B 25 -16.24 -2.26 9.69
N GLN B 26 -15.81 -1.98 8.46
CA GLN B 26 -15.87 -0.64 7.91
C GLN B 26 -17.32 -0.16 7.82
N GLN B 27 -18.22 -1.02 7.31
CA GLN B 27 -19.64 -0.73 7.19
C GLN B 27 -20.27 -0.48 8.56
N PHE B 28 -19.90 -1.28 9.58
CA PHE B 28 -20.38 -1.09 10.95
C PHE B 28 -19.97 0.30 11.49
N LEU B 29 -18.71 0.69 11.25
CA LEU B 29 -18.15 1.97 11.68
C LEU B 29 -18.83 3.14 10.98
N LEU B 30 -19.09 3.01 9.65
CA LEU B 30 -19.81 4.01 8.85
C LEU B 30 -21.26 4.14 9.37
N GLU B 31 -21.95 3.00 9.57
CA GLU B 31 -23.33 2.96 10.12
C GLU B 31 -23.42 3.74 11.46
N GLN B 32 -22.39 3.58 12.32
CA GLN B 32 -22.25 4.25 13.63
C GLN B 32 -21.82 5.74 13.56
N GLY B 33 -21.58 6.25 12.35
CA GLY B 33 -21.19 7.64 12.12
C GLY B 33 -19.81 8.02 12.64
N THR B 34 -18.84 7.14 12.44
CA THR B 34 -17.44 7.35 12.82
C THR B 34 -16.89 8.53 11.97
N PRO B 35 -16.13 9.49 12.58
CA PRO B 35 -15.55 10.58 11.77
C PRO B 35 -14.87 10.09 10.49
N SER B 36 -15.22 10.75 9.37
CA SER B 36 -14.77 10.51 8.00
C SER B 36 -13.26 10.39 7.87
N ASP B 37 -12.51 11.15 8.67
CA ASP B 37 -11.05 11.13 8.65
C ASP B 37 -10.53 9.82 9.19
N ILE B 38 -11.20 9.28 10.22
CA ILE B 38 -10.84 7.97 10.78
C ILE B 38 -11.14 6.88 9.74
N LEU B 39 -12.31 6.97 9.09
CA LEU B 39 -12.71 6.04 8.04
C LEU B 39 -11.74 6.05 6.85
N GLY B 40 -11.35 7.25 6.41
CA GLY B 40 -10.41 7.47 5.33
C GLY B 40 -9.07 6.87 5.66
N LEU B 42 -8.44 4.39 7.83
CA LEU B 42 -8.60 2.96 7.85
C LEU B 42 -8.68 2.35 6.45
N LYS B 43 -9.24 3.09 5.49
CA LYS B 43 -9.28 2.69 4.08
C LYS B 43 -7.80 2.62 3.58
N SER B 44 -6.97 3.63 3.88
CA SER B 44 -5.55 3.66 3.51
C SER B 44 -4.74 2.52 4.13
N LEU B 45 -5.04 2.15 5.39
CA LEU B 45 -4.31 1.06 6.05
C LEU B 45 -4.68 -0.27 5.38
N HIS B 46 -5.97 -0.44 5.01
CA HIS B 46 -6.46 -1.63 4.33
C HIS B 46 -5.79 -1.80 2.97
N GLN B 47 -5.79 -0.73 2.14
CA GLN B 47 -5.14 -0.69 0.82
C GLN B 47 -3.65 -0.97 0.99
N LEU B 48 -3.01 -0.44 2.05
CA LEU B 48 -1.61 -0.74 2.38
C LEU B 48 -1.42 -2.25 2.59
N GLN B 49 -2.34 -2.88 3.34
CA GLN B 49 -2.32 -4.32 3.67
C GLN B 49 -2.53 -5.21 2.44
N VAL B 50 -3.47 -4.84 1.54
CA VAL B 50 -3.79 -5.52 0.27
C VAL B 50 -2.56 -5.40 -0.68
N GLU B 51 -1.96 -4.20 -0.77
CA GLU B 51 -0.77 -4.01 -1.60
C GLU B 51 0.37 -4.88 -1.09
N ASN B 52 0.55 -4.94 0.26
CA ASN B 52 1.63 -5.73 0.86
C ASN B 52 1.46 -7.21 0.53
N ARG B 53 0.21 -7.72 0.58
CA ARG B 53 -0.13 -9.09 0.26
C ARG B 53 0.12 -9.39 -1.24
N ARG B 54 -0.29 -8.50 -2.19
CA ARG B 54 -0.01 -8.72 -3.62
C ARG B 54 1.49 -8.67 -3.93
N LEU B 55 2.23 -7.79 -3.27
CA LEU B 55 3.67 -7.64 -3.45
C LEU B 55 4.46 -8.82 -2.92
N GLU B 56 4.09 -9.35 -1.74
CA GLU B 56 4.72 -10.53 -1.15
C GLU B 56 4.56 -11.72 -2.11
N GLU B 57 3.39 -11.84 -2.75
CA GLU B 57 3.10 -12.95 -3.67
C GLU B 57 3.86 -12.78 -4.98
N GLN B 58 3.96 -11.55 -5.47
CA GLN B 58 4.72 -11.26 -6.69
C GLN B 58 6.19 -11.59 -6.53
N ILE B 59 6.79 -11.23 -5.36
CA ILE B 59 8.18 -11.55 -4.97
C ILE B 59 8.40 -13.06 -4.85
N LYS B 60 7.43 -13.75 -4.22
CA LYS B 60 7.48 -15.19 -4.02
C LYS B 60 7.50 -15.93 -5.39
N ASN B 61 6.69 -15.47 -6.36
CA ASN B 61 6.60 -16.02 -7.71
C ASN B 61 7.87 -15.77 -8.52
N LEU B 62 8.54 -14.64 -8.27
CA LEU B 62 9.82 -14.26 -8.90
C LEU B 62 10.95 -15.12 -8.34
N THR B 63 10.94 -15.42 -7.03
CA THR B 63 11.91 -16.31 -6.39
C THR B 63 11.71 -17.76 -6.89
N ALA B 64 10.43 -18.20 -7.01
CA ALA B 64 10.12 -19.54 -7.53
C ALA B 64 10.69 -19.70 -8.97
N LYS B 65 10.57 -18.67 -9.79
CA LYS B 65 11.07 -18.65 -11.17
C LYS B 65 12.61 -18.72 -11.21
N LYS B 66 13.27 -17.99 -10.30
CA LYS B 66 14.72 -17.94 -10.11
C LYS B 66 15.18 -19.36 -9.74
N GLU B 67 14.57 -19.93 -8.67
CA GLU B 67 14.84 -21.24 -8.09
C GLU B 67 14.67 -22.36 -9.12
N ARG B 68 13.60 -22.28 -9.94
CA ARG B 68 13.34 -23.26 -11.01
C ARG B 68 14.41 -23.23 -12.11
N LEU B 69 14.76 -22.03 -12.58
CA LEU B 69 15.77 -21.87 -13.62
C LEU B 69 17.12 -22.41 -13.18
N GLN B 70 17.52 -22.16 -11.92
CA GLN B 70 18.78 -22.64 -11.32
C GLN B 70 18.81 -24.19 -11.33
N LEU B 71 17.71 -24.83 -10.88
CA LEU B 71 17.53 -26.28 -10.83
C LEU B 71 17.54 -26.90 -12.23
N LEU B 72 16.83 -26.26 -13.20
CA LEU B 72 16.81 -26.74 -14.60
C LEU B 72 18.21 -26.65 -15.21
N ASN B 73 18.91 -25.50 -15.01
CA ASN B 73 20.28 -25.26 -15.50
C ASN B 73 21.25 -26.30 -14.98
N ALA B 74 21.11 -26.66 -13.69
CA ALA B 74 21.94 -27.63 -12.97
C ALA B 74 21.76 -29.04 -13.57
N GLN B 75 20.53 -29.37 -14.03
CA GLN B 75 20.23 -30.65 -14.65
C GLN B 75 20.76 -30.70 -16.11
N LEU B 76 20.82 -29.54 -16.78
CA LEU B 76 21.29 -29.43 -18.16
C LEU B 76 22.80 -29.11 -18.24
N SER B 77 23.43 -28.89 -17.05
CA SER B 77 24.85 -28.61 -16.88
C SER B 77 25.71 -29.80 -17.32
#